data_1XV5
#
_entry.id   1XV5
#
_cell.length_a   47.806
_cell.length_b   68.241
_cell.length_c   65.750
_cell.angle_alpha   90.00
_cell.angle_beta   109.10
_cell.angle_gamma   90.00
#
_symmetry.space_group_name_H-M   'P 1 21 1'
#
loop_
_entity.id
_entity.type
_entity.pdbx_description
1 polymer 'DNA alpha-glucosyltransferase'
2 non-polymer 'CHLORIDE ION'
3 non-polymer "URIDINE-5'-DIPHOSPHATE"
4 non-polymer 1,2-ETHANEDIOL
5 non-polymer GLYCEROL
6 water water
#
_entity_poly.entity_id   1
_entity_poly.type   'polypeptide(L)'
_entity_poly.pdbx_seq_one_letter_code
;SMRICIFMARGLEG(CME)GVTKFSLEQRDWFIKNGHEVTLVYAKDKSFTRTSSHDHKSFSIPVILAKEYDKALKLVNDC
DILIINSVPATSVQEATINNYKKLLDNIKPSIRVVVYQHDHSVLSLRRNLGLEETVRRADVIFSHSDNGDFNKVLMKEWY
PETVSLFDDIEEAPTVYNFQPPMDIVKVRSTYWKDVSEINMNINRWIGRTTTWKGFYQMFDFHEKFLKPAGKSTVMEGLE
RSPAFIAIKEKGIPYEYYGNREIDKMNLAPNQPAQILD(CME)YINSEMLERMSKSGFGYQLSKLNQKYLQRSLEYTHLE
LGACGTIPVFWKSTGENLKFRVDNTPLTSHDSGIIWFDENDMESTFERIKELSSDRALYDREREKAYEFLYQHQDSSFCF
KEQFDIITK
;
_entity_poly.pdbx_strand_id   A
#
# COMPACT_ATOMS: atom_id res chain seq x y z
N SER A 1 -8.53 27.26 -4.06
CA SER A 1 -8.85 25.96 -4.71
C SER A 1 -8.11 25.82 -6.03
N MET A 2 -7.60 24.61 -6.30
CA MET A 2 -6.86 24.37 -7.53
C MET A 2 -7.35 23.15 -8.28
N ARG A 3 -6.88 23.01 -9.51
CA ARG A 3 -7.24 21.88 -10.34
C ARG A 3 -6.09 20.87 -10.23
N ILE A 4 -6.42 19.66 -9.84
CA ILE A 4 -5.41 18.61 -9.68
C ILE A 4 -5.64 17.46 -10.65
N CYS A 5 -4.56 16.97 -11.25
CA CYS A 5 -4.67 15.81 -12.15
C CYS A 5 -3.77 14.72 -11.59
N ILE A 6 -4.39 13.62 -11.19
CA ILE A 6 -3.65 12.48 -10.65
C ILE A 6 -3.48 11.49 -11.80
N PHE A 7 -2.22 11.25 -12.15
CA PHE A 7 -1.87 10.40 -13.28
C PHE A 7 -1.10 9.12 -12.94
N MET A 8 -1.66 7.98 -13.32
CA MET A 8 -1.03 6.68 -13.12
C MET A 8 -0.62 6.17 -14.50
N ALA A 9 0.56 6.57 -14.95
CA ALA A 9 1.06 6.19 -16.27
C ALA A 9 1.41 4.71 -16.42
N ARG A 10 1.43 3.97 -15.32
CA ARG A 10 1.74 2.55 -15.39
C ARG A 10 0.44 1.79 -15.69
N GLY A 11 -0.68 2.41 -15.32
CA GLY A 11 -1.98 1.80 -15.51
C GLY A 11 -2.61 1.68 -14.13
N LEU A 12 -3.84 1.20 -14.06
CA LEU A 12 -4.52 1.03 -12.77
C LEU A 12 -4.32 -0.42 -12.34
N GLU A 13 -3.33 -0.63 -11.48
CA GLU A 13 -2.96 -1.96 -11.02
C GLU A 13 -3.86 -2.57 -9.93
N GLY A 14 -4.53 -1.72 -9.16
CA GLY A 14 -5.42 -2.23 -8.13
C GLY A 14 -4.82 -2.49 -6.77
N GLY A 16 -1.54 -0.79 -3.89
CA GLY A 16 -1.22 0.42 -3.15
C GLY A 16 -1.18 1.75 -3.90
N VAL A 17 -0.68 1.75 -5.12
CA VAL A 17 -0.61 2.97 -5.89
C VAL A 17 -2.02 3.42 -6.25
N THR A 18 -2.86 2.47 -6.63
CA THR A 18 -4.24 2.79 -6.96
C THR A 18 -4.95 3.29 -5.72
N LYS A 19 -4.76 2.59 -4.61
CA LYS A 19 -5.36 2.98 -3.34
C LYS A 19 -4.95 4.40 -2.96
N PHE A 20 -3.65 4.67 -3.04
CA PHE A 20 -3.13 5.99 -2.72
C PHE A 20 -3.78 7.04 -3.62
N SER A 21 -3.81 6.76 -4.92
CA SER A 21 -4.40 7.70 -5.88
C SER A 21 -5.85 8.01 -5.57
N LEU A 22 -6.61 7.01 -5.14
CA LEU A 22 -8.02 7.22 -4.82
C LEU A 22 -8.19 8.01 -3.53
N GLU A 23 -7.36 7.69 -2.53
CA GLU A 23 -7.42 8.40 -1.25
C GLU A 23 -6.96 9.84 -1.46
N GLN A 24 -6.00 10.03 -2.36
CA GLN A 24 -5.47 11.34 -2.68
C GLN A 24 -6.58 12.17 -3.32
N ARG A 25 -7.29 11.56 -4.27
CA ARG A 25 -8.39 12.25 -4.94
C ARG A 25 -9.43 12.66 -3.89
N ASP A 26 -9.79 11.73 -3.02
CA ASP A 26 -10.78 12.02 -1.98
C ASP A 26 -10.38 13.19 -1.09
N TRP A 27 -9.12 13.24 -0.69
CA TRP A 27 -8.66 14.33 0.17
C TRP A 27 -8.76 15.68 -0.54
N PHE A 28 -8.28 15.74 -1.78
CA PHE A 28 -8.35 16.99 -2.53
C PHE A 28 -9.78 17.48 -2.73
N ILE A 29 -10.68 16.57 -3.08
CA ILE A 29 -12.08 16.94 -3.29
C ILE A 29 -12.68 17.38 -1.96
N LYS A 30 -12.36 16.64 -0.91
CA LYS A 30 -12.87 16.94 0.43
C LYS A 30 -12.43 18.33 0.85
N ASN A 31 -11.25 18.74 0.40
CA ASN A 31 -10.72 20.04 0.76
C ASN A 31 -10.98 21.14 -0.28
N GLY A 32 -12.01 20.94 -1.09
CA GLY A 32 -12.41 21.95 -2.07
C GLY A 32 -11.69 22.07 -3.39
N HIS A 33 -10.88 21.09 -3.76
CA HIS A 33 -10.16 21.16 -5.03
C HIS A 33 -10.84 20.30 -6.09
N GLU A 34 -10.55 20.58 -7.35
CA GLU A 34 -11.11 19.81 -8.46
C GLU A 34 -10.09 18.75 -8.85
N VAL A 35 -10.57 17.52 -9.07
CA VAL A 35 -9.66 16.44 -9.41
C VAL A 35 -10.06 15.56 -10.58
N THR A 36 -9.06 15.21 -11.40
CA THR A 36 -9.28 14.30 -12.52
C THR A 36 -8.30 13.17 -12.28
N LEU A 37 -8.79 11.94 -12.34
CA LEU A 37 -7.94 10.78 -12.14
C LEU A 37 -7.78 10.11 -13.48
N VAL A 38 -6.55 10.09 -13.98
CA VAL A 38 -6.23 9.52 -15.29
C VAL A 38 -5.23 8.39 -15.20
N TYR A 39 -5.46 7.32 -15.96
CA TYR A 39 -4.53 6.20 -15.95
C TYR A 39 -4.32 5.65 -17.36
N ALA A 40 -3.11 5.19 -17.62
CA ALA A 40 -2.77 4.62 -18.92
C ALA A 40 -3.44 3.25 -19.05
N LYS A 41 -4.20 3.06 -20.12
CA LYS A 41 -4.90 1.81 -20.35
C LYS A 41 -4.07 0.83 -21.17
N ASP A 42 -2.91 1.29 -21.64
CA ASP A 42 -2.02 0.48 -22.47
C ASP A 42 -1.76 -0.91 -21.90
N LYS A 43 -1.61 -0.99 -20.58
CA LYS A 43 -1.37 -2.28 -19.94
C LYS A 43 -2.50 -2.56 -18.97
N SER A 44 -3.03 -3.79 -19.02
CA SER A 44 -4.13 -4.19 -18.15
C SER A 44 -3.64 -5.00 -16.96
N PHE A 45 -4.41 -4.97 -15.88
CA PHE A 45 -4.04 -5.71 -14.67
C PHE A 45 -5.20 -6.53 -14.13
N THR A 46 -4.86 -7.51 -13.32
CA THR A 46 -5.83 -8.42 -12.73
C THR A 46 -6.76 -7.81 -11.68
N ARG A 47 -6.24 -6.92 -10.86
CA ARG A 47 -7.05 -6.32 -9.79
C ARG A 47 -7.65 -4.95 -10.12
N THR A 48 -7.92 -4.69 -11.40
CA THR A 48 -8.48 -3.41 -11.76
C THR A 48 -9.82 -3.13 -11.07
N SER A 49 -10.50 -4.17 -10.60
CA SER A 49 -11.79 -4.01 -9.93
C SER A 49 -11.72 -4.07 -8.41
N SER A 50 -10.52 -4.21 -7.86
CA SER A 50 -10.38 -4.28 -6.41
C SER A 50 -10.87 -3.03 -5.69
N HIS A 51 -10.65 -1.87 -6.30
CA HIS A 51 -11.08 -0.61 -5.69
C HIS A 51 -12.12 0.06 -6.56
N ASP A 52 -13.01 0.83 -5.94
CA ASP A 52 -14.06 1.53 -6.68
C ASP A 52 -13.49 2.77 -7.35
N HIS A 53 -13.61 2.84 -8.67
CA HIS A 53 -13.09 3.98 -9.41
C HIS A 53 -13.76 4.17 -10.76
N LYS A 54 -14.31 3.08 -11.29
CA LYS A 54 -14.93 3.10 -12.61
C LYS A 54 -15.88 4.25 -12.93
N SER A 55 -16.55 4.81 -11.93
CA SER A 55 -17.49 5.88 -12.18
C SER A 55 -16.86 7.26 -12.41
N PHE A 56 -15.54 7.37 -12.22
CA PHE A 56 -14.88 8.65 -12.42
C PHE A 56 -13.49 8.58 -13.06
N SER A 57 -12.84 7.41 -12.96
CA SER A 57 -11.49 7.27 -13.52
C SER A 57 -11.51 7.46 -15.04
N ILE A 58 -10.47 8.12 -15.54
CA ILE A 58 -10.36 8.40 -16.97
C ILE A 58 -9.22 7.60 -17.62
N PRO A 59 -9.57 6.56 -18.39
CA PRO A 59 -8.53 5.76 -19.05
C PRO A 59 -8.08 6.41 -20.34
N VAL A 60 -6.82 6.22 -20.69
CA VAL A 60 -6.28 6.77 -21.93
C VAL A 60 -5.18 5.86 -22.45
N ILE A 61 -5.21 5.62 -23.76
CA ILE A 61 -4.20 4.77 -24.39
C ILE A 61 -3.08 5.70 -24.85
N LEU A 62 -1.99 5.69 -24.11
CA LEU A 62 -0.85 6.55 -24.44
C LEU A 62 -0.32 6.32 -25.84
N ALA A 63 -0.22 5.07 -26.25
CA ALA A 63 0.29 4.73 -27.56
C ALA A 63 -0.59 5.17 -28.72
N LYS A 64 -1.86 5.45 -28.45
CA LYS A 64 -2.78 5.83 -29.52
C LYS A 64 -3.65 7.05 -29.26
N GLU A 65 -3.60 7.57 -28.04
CA GLU A 65 -4.41 8.74 -27.69
C GLU A 65 -3.57 9.85 -27.06
N TYR A 66 -2.41 10.13 -27.66
CA TYR A 66 -1.53 11.16 -27.15
C TYR A 66 -2.23 12.50 -26.96
N ASP A 67 -2.98 12.92 -27.97
CA ASP A 67 -3.69 14.19 -27.91
C ASP A 67 -4.61 14.25 -26.69
N LYS A 68 -5.38 13.18 -26.50
CA LYS A 68 -6.29 13.10 -25.37
C LYS A 68 -5.50 13.21 -24.07
N ALA A 69 -4.43 12.43 -23.97
CA ALA A 69 -3.59 12.43 -22.77
C ALA A 69 -3.00 13.80 -22.47
N LEU A 70 -2.47 14.46 -23.50
CA LEU A 70 -1.88 15.78 -23.33
C LEU A 70 -2.88 16.81 -22.82
N LYS A 71 -4.06 16.84 -23.42
CA LYS A 71 -5.09 17.78 -23.01
C LYS A 71 -5.46 17.58 -21.54
N LEU A 72 -5.52 16.32 -21.12
CA LEU A 72 -5.85 15.99 -19.74
C LEU A 72 -4.81 16.49 -18.74
N VAL A 73 -3.54 16.16 -18.97
CA VAL A 73 -2.48 16.57 -18.08
C VAL A 73 -2.22 18.07 -18.04
N ASN A 74 -2.56 18.78 -19.11
CA ASN A 74 -2.35 20.23 -19.15
C ASN A 74 -3.55 21.02 -18.66
N ASP A 75 -4.59 20.32 -18.21
CA ASP A 75 -5.79 20.98 -17.71
C ASP A 75 -5.81 20.99 -16.20
N CYS A 76 -4.66 21.25 -15.59
CA CYS A 76 -4.55 21.29 -14.14
C CYS A 76 -3.54 22.34 -13.70
N ASP A 77 -3.46 22.55 -12.39
CA ASP A 77 -2.51 23.49 -11.81
C ASP A 77 -1.38 22.65 -11.25
N ILE A 78 -1.74 21.46 -10.79
CA ILE A 78 -0.78 20.53 -10.22
C ILE A 78 -0.98 19.15 -10.83
N LEU A 79 0.08 18.58 -11.38
CA LEU A 79 0.01 17.25 -11.97
C LEU A 79 0.75 16.29 -11.05
N ILE A 80 0.06 15.26 -10.58
CA ILE A 80 0.67 14.29 -9.70
C ILE A 80 0.85 12.96 -10.42
N ILE A 81 2.11 12.58 -10.60
CA ILE A 81 2.43 11.33 -11.29
C ILE A 81 2.79 10.26 -10.26
N ASN A 82 1.91 9.29 -10.08
CA ASN A 82 2.13 8.23 -9.11
C ASN A 82 2.75 6.95 -9.66
N SER A 83 2.86 6.85 -10.98
CA SER A 83 3.47 5.69 -11.59
C SER A 83 3.84 5.98 -13.04
N VAL A 84 4.81 5.23 -13.57
CA VAL A 84 5.26 5.41 -14.94
C VAL A 84 5.11 4.09 -15.69
N PRO A 85 5.19 4.13 -17.03
CA PRO A 85 5.05 2.91 -17.84
C PRO A 85 5.98 1.76 -17.43
N ALA A 86 5.49 0.54 -17.54
CA ALA A 86 6.26 -0.65 -17.19
C ALA A 86 7.20 -1.01 -18.35
N THR A 87 8.24 -1.79 -18.05
CA THR A 87 9.21 -2.19 -19.06
C THR A 87 8.65 -3.07 -20.17
N SER A 88 7.40 -3.51 -20.03
CA SER A 88 6.79 -4.37 -21.04
C SER A 88 5.92 -3.68 -22.08
N VAL A 89 5.77 -2.36 -21.97
CA VAL A 89 4.93 -1.63 -22.92
C VAL A 89 5.62 -1.47 -24.28
N GLN A 90 4.82 -1.28 -25.32
CA GLN A 90 5.36 -1.10 -26.66
C GLN A 90 5.98 0.29 -26.77
N GLU A 91 6.91 0.45 -27.70
CA GLU A 91 7.60 1.71 -27.91
C GLU A 91 6.70 2.94 -27.96
N ALA A 92 5.58 2.84 -28.67
CA ALA A 92 4.66 3.96 -28.78
C ALA A 92 4.19 4.45 -27.41
N THR A 93 3.96 3.52 -26.50
CA THR A 93 3.49 3.86 -25.16
C THR A 93 4.51 4.71 -24.40
N ILE A 94 5.74 4.21 -24.30
CA ILE A 94 6.79 4.93 -23.58
C ILE A 94 7.23 6.20 -24.33
N ASN A 95 7.26 6.13 -25.65
CA ASN A 95 7.66 7.29 -26.45
C ASN A 95 6.67 8.44 -26.25
N ASN A 96 5.37 8.12 -26.30
CA ASN A 96 4.36 9.15 -26.11
C ASN A 96 4.35 9.65 -24.67
N TYR A 97 4.76 8.79 -23.74
CA TYR A 97 4.79 9.21 -22.35
C TYR A 97 5.91 10.24 -22.18
N LYS A 98 7.05 9.96 -22.80
CA LYS A 98 8.18 10.89 -22.73
C LYS A 98 7.82 12.20 -23.42
N LYS A 99 7.05 12.12 -24.50
CA LYS A 99 6.65 13.32 -25.21
C LYS A 99 5.73 14.14 -24.32
N LEU A 100 4.87 13.44 -23.57
CA LEU A 100 3.95 14.12 -22.66
C LEU A 100 4.72 14.97 -21.66
N LEU A 101 5.75 14.36 -21.06
CA LEU A 101 6.57 15.06 -20.07
C LEU A 101 7.18 16.33 -20.66
N ASP A 102 7.72 16.22 -21.87
CA ASP A 102 8.34 17.36 -22.54
C ASP A 102 7.35 18.45 -22.91
N ASN A 103 6.09 18.08 -23.13
CA ASN A 103 5.08 19.05 -23.53
C ASN A 103 4.10 19.52 -22.46
N ILE A 104 4.33 19.13 -21.22
CA ILE A 104 3.45 19.57 -20.14
C ILE A 104 3.74 21.06 -19.98
N LYS A 105 2.70 21.87 -19.74
CA LYS A 105 2.91 23.29 -19.58
C LYS A 105 3.95 23.56 -18.49
N PRO A 106 4.96 24.39 -18.80
CA PRO A 106 6.02 24.73 -17.85
C PRO A 106 5.51 25.30 -16.53
N SER A 107 4.37 25.98 -16.57
CA SER A 107 3.81 26.58 -15.36
C SER A 107 3.17 25.57 -14.42
N ILE A 108 2.84 24.39 -14.94
CA ILE A 108 2.23 23.35 -14.12
C ILE A 108 3.24 22.75 -13.15
N ARG A 109 2.84 22.63 -11.89
CA ARG A 109 3.73 22.06 -10.88
C ARG A 109 3.60 20.55 -10.89
N VAL A 110 4.65 19.87 -11.33
CA VAL A 110 4.65 18.42 -11.40
C VAL A 110 5.17 17.78 -10.13
N VAL A 111 4.33 16.96 -9.52
CA VAL A 111 4.69 16.27 -8.28
C VAL A 111 4.87 14.78 -8.57
N VAL A 112 6.02 14.24 -8.20
CA VAL A 112 6.27 12.84 -8.43
C VAL A 112 6.43 12.07 -7.13
N TYR A 113 5.62 11.02 -6.99
CA TYR A 113 5.64 10.17 -5.80
C TYR A 113 6.23 8.82 -6.20
N GLN A 114 7.26 8.38 -5.48
CA GLN A 114 7.84 7.07 -5.74
C GLN A 114 7.24 6.18 -4.67
N HIS A 115 6.32 5.31 -5.10
CA HIS A 115 5.61 4.42 -4.19
C HIS A 115 6.23 3.06 -3.94
N ASP A 116 7.27 2.72 -4.69
CA ASP A 116 7.90 1.42 -4.53
C ASP A 116 9.17 1.43 -3.69
N HIS A 117 9.65 0.25 -3.32
CA HIS A 117 10.80 0.13 -2.45
C HIS A 117 12.11 -0.38 -3.05
N SER A 118 12.16 -1.67 -3.36
CA SER A 118 13.36 -2.30 -3.90
C SER A 118 13.74 -1.88 -5.31
N VAL A 119 15.03 -1.98 -5.62
CA VAL A 119 15.54 -1.65 -6.95
C VAL A 119 14.89 -2.58 -7.98
N LEU A 120 14.59 -3.80 -7.56
CA LEU A 120 13.98 -4.79 -8.44
C LEU A 120 12.71 -4.19 -9.04
N SER A 121 11.89 -3.60 -8.19
CA SER A 121 10.66 -2.98 -8.65
C SER A 121 10.97 -1.71 -9.41
N LEU A 122 11.79 -0.86 -8.81
CA LEU A 122 12.16 0.43 -9.40
C LEU A 122 12.70 0.36 -10.82
N ARG A 123 13.47 -0.68 -11.13
CA ARG A 123 14.03 -0.81 -12.47
C ARG A 123 13.04 -1.37 -13.50
N ARG A 124 11.89 -1.83 -13.02
CA ARG A 124 10.86 -2.35 -13.91
C ARG A 124 10.07 -1.19 -14.49
N ASN A 125 10.63 0.02 -14.34
CA ASN A 125 10.00 1.23 -14.84
C ASN A 125 10.71 1.76 -16.08
N LEU A 126 9.98 2.54 -16.87
CA LEU A 126 10.52 3.18 -18.06
C LEU A 126 10.19 4.65 -17.97
N GLY A 127 11.18 5.50 -18.24
CA GLY A 127 10.96 6.94 -18.20
C GLY A 127 10.90 7.54 -16.80
N LEU A 128 11.36 6.81 -15.80
CA LEU A 128 11.34 7.34 -14.44
C LEU A 128 12.33 8.49 -14.30
N GLU A 129 13.49 8.37 -14.94
CA GLU A 129 14.50 9.42 -14.88
C GLU A 129 13.96 10.72 -15.45
N GLU A 130 13.32 10.64 -16.61
CA GLU A 130 12.76 11.82 -17.26
C GLU A 130 11.66 12.42 -16.41
N THR A 131 10.92 11.56 -15.71
CA THR A 131 9.84 11.99 -14.85
C THR A 131 10.42 12.77 -13.68
N VAL A 132 11.48 12.22 -13.09
CA VAL A 132 12.14 12.85 -11.95
C VAL A 132 12.75 14.21 -12.32
N ARG A 133 13.31 14.30 -13.52
CA ARG A 133 13.92 15.56 -13.96
C ARG A 133 12.92 16.68 -14.20
N ARG A 134 11.68 16.32 -14.52
CA ARG A 134 10.64 17.32 -14.77
C ARG A 134 9.96 17.71 -13.47
N ALA A 135 9.99 16.81 -12.49
CA ALA A 135 9.34 17.05 -11.21
C ALA A 135 9.81 18.30 -10.47
N ASP A 136 8.84 19.00 -9.89
CA ASP A 136 9.12 20.21 -9.11
C ASP A 136 9.14 19.78 -7.65
N VAL A 137 8.52 18.63 -7.38
CA VAL A 137 8.45 18.08 -6.03
C VAL A 137 8.54 16.56 -6.14
N ILE A 138 9.41 15.96 -5.33
CA ILE A 138 9.60 14.51 -5.35
C ILE A 138 9.41 13.92 -3.95
N PHE A 139 8.68 12.81 -3.87
CA PHE A 139 8.43 12.13 -2.59
C PHE A 139 8.85 10.65 -2.65
N SER A 140 9.30 10.12 -1.52
CA SER A 140 9.68 8.71 -1.42
C SER A 140 9.34 8.22 -0.01
N HIS A 141 9.28 6.91 0.16
CA HIS A 141 8.95 6.32 1.46
C HIS A 141 10.09 6.35 2.47
N SER A 142 11.32 6.54 2.00
CA SER A 142 12.46 6.54 2.92
C SER A 142 13.69 7.29 2.42
N ASP A 143 14.33 8.03 3.34
CA ASP A 143 15.53 8.77 2.99
C ASP A 143 16.66 7.80 2.65
N ASN A 144 16.57 6.58 3.18
CA ASN A 144 17.61 5.57 2.94
C ASN A 144 17.20 4.46 1.98
N GLY A 145 16.08 4.65 1.29
CA GLY A 145 15.63 3.64 0.34
C GLY A 145 16.47 3.60 -0.92
N ASP A 146 16.22 2.60 -1.76
CA ASP A 146 16.95 2.44 -3.01
C ASP A 146 16.74 3.61 -3.95
N PHE A 147 15.52 4.15 -3.97
CA PHE A 147 15.23 5.28 -4.85
C PHE A 147 16.15 6.45 -4.53
N ASN A 148 16.26 6.78 -3.25
CA ASN A 148 17.10 7.89 -2.80
C ASN A 148 18.61 7.62 -2.89
N LYS A 149 19.03 6.47 -2.40
CA LYS A 149 20.44 6.11 -2.36
C LYS A 149 21.05 5.47 -3.60
N VAL A 150 20.23 4.89 -4.46
CA VAL A 150 20.78 4.25 -5.65
C VAL A 150 20.43 4.98 -6.94
N LEU A 151 19.14 5.05 -7.27
CA LEU A 151 18.72 5.70 -8.51
C LEU A 151 19.03 7.20 -8.57
N MET A 152 18.69 7.94 -7.51
CA MET A 152 18.94 9.37 -7.49
C MET A 152 20.42 9.71 -7.67
N LYS A 153 21.29 8.95 -7.00
CA LYS A 153 22.72 9.20 -7.11
C LYS A 153 23.24 8.74 -8.46
N GLU A 154 22.46 7.89 -9.13
CA GLU A 154 22.84 7.37 -10.44
C GLU A 154 22.46 8.39 -11.51
N TRP A 155 21.36 9.09 -11.31
CA TRP A 155 20.91 10.09 -12.27
C TRP A 155 21.62 11.42 -12.03
N TYR A 156 22.05 11.63 -10.79
CA TYR A 156 22.75 12.84 -10.39
C TYR A 156 24.05 12.43 -9.70
N PRO A 157 25.02 11.93 -10.49
CA PRO A 157 26.33 11.48 -9.98
C PRO A 157 27.10 12.53 -9.19
N GLU A 158 27.70 12.08 -8.09
CA GLU A 158 28.49 12.95 -7.24
C GLU A 158 29.87 13.15 -7.87
N THR A 159 29.97 12.76 -9.14
CA THR A 159 31.21 12.88 -9.91
C THR A 159 30.85 13.15 -11.37
N VAL A 160 31.03 14.39 -11.80
CA VAL A 160 30.72 14.79 -13.18
C VAL A 160 31.87 14.56 -14.16
N SER A 161 31.54 14.60 -15.44
CA SER A 161 32.52 14.40 -16.51
C SER A 161 33.56 15.52 -16.55
N LEU A 162 33.49 16.35 -17.59
CA LEU A 162 34.44 17.45 -17.74
C LEU A 162 33.76 18.68 -18.33
N PHE A 163 33.02 18.49 -19.42
CA PHE A 163 32.32 19.59 -20.07
C PHE A 163 30.86 19.69 -19.65
N ASP A 164 30.44 18.79 -18.76
CA ASP A 164 29.06 18.78 -18.28
C ASP A 164 28.93 19.71 -17.09
N ASP A 165 27.85 19.56 -16.33
CA ASP A 165 27.62 20.39 -15.15
C ASP A 165 27.46 19.54 -13.90
N ILE A 166 27.73 20.13 -12.74
CA ILE A 166 27.62 19.42 -11.48
C ILE A 166 26.18 19.02 -11.17
N GLU A 167 25.25 19.94 -11.47
CA GLU A 167 23.82 19.71 -11.26
C GLU A 167 23.49 18.94 -9.97
N GLU A 168 23.21 19.67 -8.90
CA GLU A 168 22.88 19.05 -7.62
C GLU A 168 21.57 18.26 -7.78
N ALA A 169 21.50 17.10 -7.13
CA ALA A 169 20.30 16.30 -7.19
C ALA A 169 19.16 17.08 -6.55
N PRO A 170 17.93 16.91 -7.06
CA PRO A 170 16.79 17.61 -6.49
C PRO A 170 16.43 17.05 -5.11
N THR A 171 15.69 17.83 -4.33
CA THR A 171 15.30 17.40 -3.00
C THR A 171 14.20 16.34 -3.03
N VAL A 172 14.35 15.31 -2.20
CA VAL A 172 13.35 14.26 -2.11
C VAL A 172 12.76 14.34 -0.71
N TYR A 173 11.45 14.50 -0.62
CA TYR A 173 10.76 14.59 0.65
C TYR A 173 10.17 13.26 1.06
N ASN A 174 10.10 13.01 2.36
CA ASN A 174 9.52 11.78 2.83
C ASN A 174 8.00 11.95 2.88
N PHE A 175 7.27 10.85 2.73
CA PHE A 175 5.82 10.90 2.78
C PHE A 175 5.31 9.55 3.28
N GLN A 176 4.08 9.55 3.76
CA GLN A 176 3.42 8.33 4.21
C GLN A 176 2.19 8.21 3.33
N PRO A 177 1.82 6.98 2.94
CA PRO A 177 0.63 6.78 2.09
C PRO A 177 -0.59 6.83 3.02
N PRO A 178 -1.35 7.93 2.98
CA PRO A 178 -2.53 8.11 3.83
C PRO A 178 -3.83 7.47 3.39
N MET A 179 -4.71 7.25 4.37
CA MET A 179 -6.02 6.69 4.12
C MET A 179 -6.98 7.38 5.07
N ASP A 180 -8.23 7.56 4.63
CA ASP A 180 -9.23 8.17 5.49
C ASP A 180 -9.65 7.03 6.41
N ILE A 181 -8.96 6.90 7.54
CA ILE A 181 -9.23 5.86 8.50
C ILE A 181 -10.59 6.00 9.17
N VAL A 182 -11.02 7.25 9.38
CA VAL A 182 -12.30 7.53 9.99
C VAL A 182 -13.43 6.99 9.11
N LYS A 183 -13.32 7.25 7.80
CA LYS A 183 -14.33 6.79 6.85
C LYS A 183 -14.49 5.28 6.85
N VAL A 184 -13.39 4.55 6.90
CA VAL A 184 -13.47 3.10 6.91
C VAL A 184 -14.16 2.62 8.19
N ARG A 185 -13.80 3.22 9.33
CA ARG A 185 -14.45 2.80 10.57
C ARG A 185 -15.95 3.09 10.54
N SER A 186 -16.32 4.25 10.03
CA SER A 186 -17.72 4.64 9.99
C SER A 186 -18.54 3.79 9.04
N THR A 187 -17.86 2.92 8.30
CA THR A 187 -18.53 2.04 7.34
C THR A 187 -18.47 0.54 7.67
N TYR A 188 -17.41 0.11 8.34
CA TYR A 188 -17.25 -1.32 8.64
C TYR A 188 -17.17 -1.79 10.08
N TRP A 189 -16.92 -0.89 11.02
CA TRP A 189 -16.79 -1.27 12.42
C TRP A 189 -17.97 -2.11 12.92
N LYS A 190 -17.66 -3.23 13.54
CA LYS A 190 -18.69 -4.13 14.07
C LYS A 190 -18.68 -4.16 15.59
N ASP A 191 -19.81 -4.53 16.17
CA ASP A 191 -19.88 -4.65 17.62
C ASP A 191 -19.07 -5.91 17.91
N VAL A 192 -18.39 -5.95 19.05
CA VAL A 192 -17.56 -7.09 19.39
C VAL A 192 -18.30 -8.43 19.35
N SER A 193 -19.61 -8.41 19.63
CA SER A 193 -20.39 -9.65 19.63
C SER A 193 -20.53 -10.27 18.24
N GLU A 194 -20.28 -9.47 17.21
CA GLU A 194 -20.39 -9.92 15.82
C GLU A 194 -19.10 -10.52 15.28
N ILE A 195 -18.04 -10.45 16.07
CA ILE A 195 -16.73 -10.93 15.63
C ILE A 195 -16.42 -12.40 15.97
N ASN A 196 -15.97 -13.15 14.97
CA ASN A 196 -15.61 -14.55 15.18
C ASN A 196 -14.15 -14.57 15.62
N MET A 197 -13.94 -14.73 16.91
CA MET A 197 -12.60 -14.74 17.49
C MET A 197 -11.66 -15.83 16.97
N ASN A 198 -12.20 -16.90 16.41
CA ASN A 198 -11.34 -17.97 15.93
C ASN A 198 -10.82 -17.79 14.51
N ILE A 199 -11.24 -16.71 13.85
CA ILE A 199 -10.78 -16.44 12.49
C ILE A 199 -9.55 -15.55 12.50
N ASN A 200 -8.50 -15.99 11.82
CA ASN A 200 -7.25 -15.26 11.71
C ASN A 200 -7.10 -14.98 10.23
N ARG A 201 -7.21 -13.71 9.85
CA ARG A 201 -7.17 -13.32 8.44
C ARG A 201 -5.97 -12.46 8.06
N TRP A 202 -5.16 -13.00 7.15
CA TRP A 202 -3.97 -12.33 6.65
C TRP A 202 -4.36 -11.71 5.30
N ILE A 203 -3.88 -10.50 5.01
CA ILE A 203 -4.16 -9.85 3.72
C ILE A 203 -2.87 -9.32 3.11
N GLY A 204 -2.78 -9.39 1.78
CA GLY A 204 -1.61 -8.92 1.07
C GLY A 204 -1.58 -9.47 -0.35
N ARG A 205 -0.39 -9.83 -0.81
CA ARG A 205 -0.22 -10.41 -2.15
C ARG A 205 0.98 -11.35 -2.13
N THR A 206 1.18 -12.08 -3.22
CA THR A 206 2.26 -13.05 -3.26
C THR A 206 3.67 -12.54 -3.50
N THR A 207 4.22 -11.88 -2.48
CA THR A 207 5.58 -11.36 -2.50
C THR A 207 6.10 -11.73 -1.13
N THR A 208 7.23 -12.43 -1.09
CA THR A 208 7.76 -12.90 0.19
C THR A 208 7.95 -11.87 1.30
N TRP A 209 8.27 -10.62 0.98
CA TRP A 209 8.44 -9.66 2.08
C TRP A 209 7.13 -9.28 2.74
N LYS A 210 6.01 -9.78 2.21
CA LYS A 210 4.70 -9.50 2.78
C LYS A 210 4.48 -10.47 3.94
N GLY A 211 5.39 -11.43 4.08
CA GLY A 211 5.32 -12.39 5.17
C GLY A 211 4.29 -13.50 5.15
N PHE A 212 3.88 -13.99 3.98
CA PHE A 212 2.90 -15.06 3.96
C PHE A 212 3.46 -16.38 4.47
N TYR A 213 4.76 -16.64 4.27
CA TYR A 213 5.33 -17.89 4.77
C TYR A 213 5.24 -17.93 6.30
N GLN A 214 5.41 -16.78 6.93
CA GLN A 214 5.34 -16.70 8.37
C GLN A 214 3.92 -16.97 8.87
N MET A 215 2.92 -16.64 8.05
CA MET A 215 1.54 -16.89 8.43
C MET A 215 1.28 -18.40 8.36
N PHE A 216 1.77 -19.05 7.30
CA PHE A 216 1.60 -20.50 7.16
C PHE A 216 2.24 -21.19 8.36
N ASP A 217 3.42 -20.69 8.75
CA ASP A 217 4.17 -21.24 9.86
C ASP A 217 3.40 -21.07 11.16
N PHE A 218 2.86 -19.88 11.38
CA PHE A 218 2.10 -19.61 12.61
C PHE A 218 0.84 -20.47 12.67
N HIS A 219 0.21 -20.70 11.53
CA HIS A 219 -0.98 -21.53 11.51
C HIS A 219 -0.63 -22.96 11.90
N GLU A 220 0.41 -23.48 11.27
CA GLU A 220 0.86 -24.84 11.54
C GLU A 220 1.29 -25.07 12.99
N LYS A 221 2.07 -24.15 13.53
CA LYS A 221 2.60 -24.28 14.88
C LYS A 221 1.66 -23.93 16.02
N PHE A 222 0.80 -22.93 15.83
CA PHE A 222 -0.09 -22.52 16.90
C PHE A 222 -1.59 -22.46 16.63
N LEU A 223 -1.99 -21.79 15.56
CA LEU A 223 -3.41 -21.65 15.25
C LEU A 223 -4.15 -22.95 14.96
N LYS A 224 -3.61 -23.77 14.05
CA LYS A 224 -4.30 -25.02 13.72
C LYS A 224 -4.41 -25.97 14.92
N PRO A 225 -3.31 -26.16 15.68
CA PRO A 225 -3.37 -27.06 16.84
C PRO A 225 -4.36 -26.60 17.90
N ALA A 226 -4.58 -25.28 17.97
CA ALA A 226 -5.48 -24.70 18.95
C ALA A 226 -6.94 -24.69 18.49
N GLY A 227 -7.20 -25.21 17.29
CA GLY A 227 -8.55 -25.25 16.78
C GLY A 227 -9.01 -23.97 16.10
N LYS A 228 -8.05 -23.10 15.78
CA LYS A 228 -8.37 -21.83 15.13
C LYS A 228 -8.34 -21.99 13.61
N SER A 229 -8.85 -20.97 12.92
CA SER A 229 -8.88 -21.00 11.46
C SER A 229 -8.06 -19.86 10.86
N THR A 230 -7.45 -20.14 9.71
CA THR A 230 -6.65 -19.13 9.03
C THR A 230 -7.08 -18.95 7.60
N VAL A 231 -7.23 -17.69 7.21
CA VAL A 231 -7.62 -17.31 5.87
C VAL A 231 -6.56 -16.30 5.41
N MET A 232 -6.15 -16.42 4.15
CA MET A 232 -5.16 -15.52 3.60
C MET A 232 -5.72 -15.01 2.28
N GLU A 233 -5.96 -13.70 2.21
CA GLU A 233 -6.53 -13.09 1.03
C GLU A 233 -5.57 -12.29 0.17
N GLY A 234 -5.70 -12.44 -1.14
CA GLY A 234 -4.86 -11.68 -2.05
C GLY A 234 -3.68 -12.38 -2.70
N LEU A 235 -3.46 -13.64 -2.37
CA LEU A 235 -2.33 -14.38 -2.95
C LEU A 235 -2.58 -14.86 -4.37
N GLU A 236 -2.09 -14.08 -5.34
CA GLU A 236 -2.27 -14.42 -6.74
C GLU A 236 -1.30 -15.52 -7.15
N ARG A 237 -1.65 -16.27 -8.19
CA ARG A 237 -0.78 -17.34 -8.67
C ARG A 237 0.36 -16.70 -9.45
N SER A 238 1.54 -17.28 -9.33
CA SER A 238 2.73 -16.79 -9.99
C SER A 238 3.86 -17.73 -9.60
N PRO A 239 5.05 -17.55 -10.20
CA PRO A 239 6.14 -18.45 -9.83
C PRO A 239 6.36 -18.45 -8.31
N ALA A 240 6.23 -17.29 -7.68
CA ALA A 240 6.41 -17.21 -6.23
C ALA A 240 5.37 -18.07 -5.52
N PHE A 241 4.14 -18.06 -6.02
CA PHE A 241 3.10 -18.85 -5.39
C PHE A 241 3.38 -20.34 -5.56
N ILE A 242 3.88 -20.71 -6.73
CA ILE A 242 4.18 -22.12 -7.01
C ILE A 242 5.17 -22.70 -6.01
N ALA A 243 6.03 -21.85 -5.47
CA ALA A 243 7.04 -22.28 -4.51
C ALA A 243 6.40 -22.85 -3.24
N ILE A 244 5.21 -22.37 -2.91
CA ILE A 244 4.51 -22.84 -1.71
C ILE A 244 4.22 -24.34 -1.78
N LYS A 245 3.64 -24.78 -2.90
CA LYS A 245 3.31 -26.19 -3.08
C LYS A 245 4.59 -27.01 -3.12
N GLU A 246 5.60 -26.50 -3.83
CA GLU A 246 6.88 -27.19 -3.95
C GLU A 246 7.48 -27.46 -2.57
N LYS A 247 7.25 -26.55 -1.63
CA LYS A 247 7.78 -26.73 -0.28
C LYS A 247 6.91 -27.63 0.57
N GLY A 248 5.82 -28.12 -0.01
CA GLY A 248 4.93 -29.01 0.71
C GLY A 248 4.01 -28.36 1.72
N ILE A 249 3.78 -27.07 1.59
CA ILE A 249 2.91 -26.36 2.52
C ILE A 249 1.45 -26.60 2.13
N PRO A 250 0.64 -27.13 3.06
CA PRO A 250 -0.77 -27.39 2.78
C PRO A 250 -1.62 -26.13 2.71
N TYR A 251 -2.62 -26.14 1.83
CA TYR A 251 -3.52 -25.02 1.68
C TYR A 251 -4.63 -25.37 0.71
N GLU A 252 -5.70 -24.59 0.75
CA GLU A 252 -6.82 -24.78 -0.16
C GLU A 252 -7.02 -23.40 -0.76
N TYR A 253 -7.02 -23.36 -2.09
CA TYR A 253 -7.10 -22.12 -2.86
C TYR A 253 -8.47 -21.88 -3.48
N TYR A 254 -8.94 -20.63 -3.39
CA TYR A 254 -10.26 -20.29 -3.94
C TYR A 254 -10.28 -18.94 -4.63
N GLY A 255 -11.23 -18.82 -5.57
CA GLY A 255 -11.46 -17.56 -6.26
C GLY A 255 -12.72 -17.03 -5.60
N ASN A 256 -13.12 -15.81 -5.91
CA ASN A 256 -14.32 -15.24 -5.29
C ASN A 256 -15.60 -16.01 -5.55
N ARG A 257 -15.69 -16.62 -6.73
CA ARG A 257 -16.87 -17.39 -7.10
C ARG A 257 -17.00 -18.66 -6.26
N GLU A 258 -15.93 -19.04 -5.57
CA GLU A 258 -15.95 -20.25 -4.75
C GLU A 258 -15.69 -19.92 -3.27
N ILE A 259 -15.79 -18.65 -2.91
CA ILE A 259 -15.54 -18.25 -1.53
C ILE A 259 -16.47 -18.94 -0.54
N ASP A 260 -17.67 -19.29 -0.97
CA ASP A 260 -18.62 -19.96 -0.09
C ASP A 260 -18.17 -21.38 0.20
N LYS A 261 -17.19 -21.84 -0.57
CA LYS A 261 -16.65 -23.19 -0.40
C LYS A 261 -15.54 -23.24 0.65
N MET A 262 -15.06 -22.07 1.07
CA MET A 262 -14.01 -22.04 2.08
C MET A 262 -14.44 -22.78 3.33
N ASN A 263 -13.53 -23.59 3.85
CA ASN A 263 -13.81 -24.34 5.06
C ASN A 263 -13.21 -23.56 6.23
N LEU A 264 -14.07 -22.84 6.94
CA LEU A 264 -13.62 -22.02 8.06
C LEU A 264 -13.69 -22.74 9.40
N ALA A 265 -13.82 -24.05 9.36
CA ALA A 265 -13.91 -24.87 10.55
C ALA A 265 -12.53 -25.24 11.08
N PRO A 266 -12.45 -25.77 12.30
CA PRO A 266 -11.18 -26.16 12.91
C PRO A 266 -10.49 -27.29 12.13
N ASN A 267 -9.19 -27.44 12.38
CA ASN A 267 -8.38 -28.48 11.76
C ASN A 267 -8.33 -28.48 10.24
N GLN A 268 -8.27 -27.29 9.64
CA GLN A 268 -8.20 -27.18 8.20
C GLN A 268 -6.93 -26.46 7.83
N PRO A 269 -6.43 -26.67 6.60
CA PRO A 269 -5.21 -25.97 6.22
C PRO A 269 -5.59 -24.51 5.99
N ALA A 270 -4.61 -23.65 5.75
CA ALA A 270 -4.91 -22.25 5.50
C ALA A 270 -5.84 -22.16 4.28
N GLN A 271 -6.85 -21.31 4.37
CA GLN A 271 -7.79 -21.11 3.25
C GLN A 271 -7.33 -19.86 2.53
N ILE A 272 -7.06 -19.97 1.23
CA ILE A 272 -6.56 -18.85 0.45
C ILE A 272 -7.51 -18.30 -0.61
N LEU A 273 -7.59 -16.97 -0.67
CA LEU A 273 -8.42 -16.29 -1.67
C LEU A 273 -7.41 -15.64 -2.62
N ASP A 274 -7.60 -15.86 -3.93
CA ASP A 274 -6.67 -15.35 -4.93
C ASP A 274 -6.59 -13.85 -5.11
N TYR A 276 -9.02 -10.03 -3.94
CA TYR A 276 -10.19 -9.54 -3.24
C TYR A 276 -10.62 -8.14 -3.60
N ILE A 277 -11.92 -7.92 -3.49
CA ILE A 277 -12.50 -6.62 -3.72
C ILE A 277 -12.30 -5.96 -2.36
N ASN A 278 -11.64 -4.81 -2.35
CA ASN A 278 -11.33 -4.12 -1.10
C ASN A 278 -12.49 -4.02 -0.11
N SER A 279 -13.63 -3.50 -0.55
CA SER A 279 -14.80 -3.36 0.33
C SER A 279 -15.29 -4.69 0.90
N GLU A 280 -15.19 -5.76 0.11
CA GLU A 280 -15.63 -7.07 0.57
C GLU A 280 -14.68 -7.63 1.62
N MET A 281 -13.39 -7.37 1.43
CA MET A 281 -12.39 -7.83 2.39
C MET A 281 -12.60 -7.09 3.72
N LEU A 282 -12.80 -5.78 3.65
CA LEU A 282 -13.01 -4.99 4.86
C LEU A 282 -14.21 -5.51 5.66
N GLU A 283 -15.25 -5.93 4.95
CA GLU A 283 -16.44 -6.46 5.62
C GLU A 283 -16.07 -7.78 6.32
N ARG A 284 -15.38 -8.67 5.59
CA ARG A 284 -14.98 -9.94 6.17
C ARG A 284 -14.02 -9.75 7.34
N MET A 285 -13.07 -8.83 7.18
CA MET A 285 -12.08 -8.57 8.21
C MET A 285 -12.70 -7.97 9.47
N SER A 286 -13.71 -7.12 9.30
CA SER A 286 -14.37 -6.48 10.43
C SER A 286 -15.05 -7.51 11.33
N LYS A 287 -15.28 -8.71 10.80
CA LYS A 287 -15.92 -9.78 11.56
C LYS A 287 -14.93 -10.88 11.92
N SER A 288 -13.65 -10.62 11.72
CA SER A 288 -12.59 -11.57 12.02
C SER A 288 -11.89 -11.17 13.31
N GLY A 289 -11.61 -12.15 14.16
CA GLY A 289 -10.97 -11.86 15.43
C GLY A 289 -9.62 -11.16 15.31
N PHE A 290 -8.76 -11.70 14.45
CA PHE A 290 -7.43 -11.13 14.29
C PHE A 290 -7.01 -10.99 12.85
N GLY A 291 -6.46 -9.82 12.53
CA GLY A 291 -5.99 -9.54 11.19
C GLY A 291 -4.47 -9.52 11.21
N TYR A 292 -3.86 -10.06 10.16
CA TYR A 292 -2.42 -10.14 10.08
C TYR A 292 -1.82 -9.40 8.89
N GLN A 293 -0.77 -8.66 9.17
CA GLN A 293 -0.06 -7.91 8.14
C GLN A 293 1.38 -8.11 8.60
N LEU A 294 2.07 -9.05 7.96
CA LEU A 294 3.42 -9.40 8.36
C LEU A 294 4.54 -8.91 7.46
N SER A 295 4.37 -7.75 6.85
CA SER A 295 5.41 -7.21 5.99
C SER A 295 6.68 -7.02 6.84
N LYS A 296 7.81 -7.38 6.25
CA LYS A 296 9.10 -7.32 6.93
C LYS A 296 10.20 -6.71 6.08
N LEU A 297 9.92 -5.52 5.52
CA LEU A 297 10.90 -4.84 4.70
C LEU A 297 12.18 -4.55 5.48
N ASN A 298 13.29 -4.52 4.78
CA ASN A 298 14.56 -4.21 5.42
C ASN A 298 14.44 -2.79 5.96
N GLN A 299 15.13 -2.54 7.08
CA GLN A 299 15.14 -1.24 7.74
C GLN A 299 15.35 -0.04 6.82
N LYS A 300 16.20 -0.20 5.81
CA LYS A 300 16.49 0.90 4.89
C LYS A 300 15.26 1.48 4.20
N TYR A 301 14.24 0.65 4.00
CA TYR A 301 13.02 1.08 3.33
C TYR A 301 11.97 1.65 4.27
N LEU A 302 12.23 1.56 5.57
CA LEU A 302 11.26 2.02 6.56
C LEU A 302 11.60 3.30 7.29
N GLN A 303 10.68 4.27 7.24
CA GLN A 303 10.85 5.54 7.93
C GLN A 303 9.60 5.80 8.77
N ARG A 304 8.49 6.20 8.12
CA ARG A 304 7.23 6.44 8.83
C ARG A 304 6.06 5.73 8.16
N SER A 305 6.28 5.19 6.97
CA SER A 305 5.19 4.56 6.23
C SER A 305 4.72 3.16 6.57
N LEU A 306 3.48 3.05 7.03
CA LEU A 306 2.87 1.74 7.24
C LEU A 306 2.23 1.57 5.87
N GLU A 307 1.76 0.37 5.57
CA GLU A 307 1.12 0.11 4.29
C GLU A 307 -0.39 0.17 4.45
N TYR A 308 -1.11 0.23 3.33
CA TYR A 308 -2.56 0.27 3.40
C TYR A 308 -3.17 -0.91 4.12
N THR A 309 -2.64 -2.11 3.90
CA THR A 309 -3.20 -3.26 4.60
C THR A 309 -3.01 -3.11 6.10
N HIS A 310 -1.96 -2.41 6.53
CA HIS A 310 -1.74 -2.18 7.97
C HIS A 310 -2.91 -1.33 8.48
N LEU A 311 -3.12 -0.20 7.81
CA LEU A 311 -4.16 0.73 8.20
C LEU A 311 -5.56 0.15 8.15
N GLU A 312 -5.81 -0.69 7.15
CA GLU A 312 -7.12 -1.30 7.00
C GLU A 312 -7.48 -2.19 8.19
N LEU A 313 -6.50 -2.87 8.77
CA LEU A 313 -6.80 -3.73 9.91
C LEU A 313 -7.30 -2.93 11.11
N GLY A 314 -6.60 -1.84 11.44
CA GLY A 314 -7.03 -1.04 12.56
C GLY A 314 -8.32 -0.29 12.28
N ALA A 315 -8.47 0.17 11.04
CA ALA A 315 -9.64 0.94 10.67
C ALA A 315 -10.97 0.17 10.67
N CYS A 316 -10.95 -1.11 10.32
CA CYS A 316 -12.19 -1.86 10.27
C CYS A 316 -12.58 -2.52 11.60
N GLY A 317 -11.72 -2.41 12.61
CA GLY A 317 -12.09 -2.98 13.90
C GLY A 317 -11.65 -4.37 14.29
N THR A 318 -10.63 -4.92 13.65
CA THR A 318 -10.14 -6.22 14.06
C THR A 318 -8.90 -5.89 14.89
N ILE A 319 -8.29 -6.89 15.53
CA ILE A 319 -7.07 -6.66 16.29
C ILE A 319 -5.91 -6.81 15.32
N PRO A 320 -5.11 -5.75 15.13
CA PRO A 320 -3.98 -5.84 14.22
C PRO A 320 -2.80 -6.63 14.76
N VAL A 321 -2.29 -7.55 13.95
CA VAL A 321 -1.13 -8.33 14.32
C VAL A 321 -0.09 -7.96 13.26
N PHE A 322 0.92 -7.19 13.65
CA PHE A 322 1.96 -6.73 12.74
C PHE A 322 3.33 -7.36 13.04
N TRP A 323 4.22 -7.32 12.06
CA TRP A 323 5.57 -7.86 12.20
C TRP A 323 6.34 -6.96 13.17
N LYS A 324 6.84 -7.55 14.26
CA LYS A 324 7.57 -6.81 15.28
C LYS A 324 8.67 -5.87 14.77
N SER A 325 9.62 -6.41 13.99
CA SER A 325 10.73 -5.58 13.51
C SER A 325 10.27 -4.39 12.69
N THR A 326 9.13 -4.52 12.01
CA THR A 326 8.62 -3.41 11.22
C THR A 326 8.18 -2.30 12.16
N GLY A 327 7.53 -2.68 13.27
CA GLY A 327 7.11 -1.68 14.24
C GLY A 327 8.32 -1.02 14.88
N GLU A 328 9.38 -1.78 15.08
CA GLU A 328 10.59 -1.27 15.68
C GLU A 328 11.33 -0.32 14.74
N ASN A 329 11.23 -0.60 13.44
CA ASN A 329 11.91 0.19 12.41
C ASN A 329 11.15 1.41 11.92
N LEU A 330 9.88 1.52 12.27
CA LEU A 330 9.06 2.66 11.84
C LEU A 330 8.89 3.65 12.99
N LYS A 331 8.81 4.92 12.64
CA LYS A 331 8.64 5.98 13.64
C LYS A 331 7.26 6.62 13.58
N PHE A 332 6.68 6.82 14.77
CA PHE A 332 5.36 7.42 14.93
C PHE A 332 5.36 8.84 14.37
N ARG A 333 4.36 9.16 13.55
CA ARG A 333 4.27 10.49 12.95
C ARG A 333 4.27 11.60 14.00
N VAL A 334 3.60 11.35 15.12
CA VAL A 334 3.46 12.34 16.17
C VAL A 334 4.72 12.71 16.94
N ASP A 335 5.45 11.73 17.47
CA ASP A 335 6.65 12.06 18.23
C ASP A 335 7.95 11.42 17.75
N ASN A 336 7.89 10.73 16.62
CA ASN A 336 9.08 10.11 16.02
C ASN A 336 9.73 8.98 16.81
N THR A 337 8.94 8.32 17.66
CA THR A 337 9.45 7.20 18.45
C THR A 337 8.98 5.91 17.77
N PRO A 338 9.68 4.79 18.02
CA PRO A 338 9.29 3.51 17.40
C PRO A 338 7.83 3.18 17.66
N LEU A 339 7.15 2.60 16.67
CA LEU A 339 5.74 2.25 16.84
C LEU A 339 5.56 1.26 17.99
N THR A 340 6.54 0.38 18.18
CA THR A 340 6.48 -0.62 19.25
C THR A 340 6.60 -0.04 20.66
N SER A 341 7.01 1.23 20.76
CA SER A 341 7.17 1.85 22.08
C SER A 341 5.86 2.36 22.67
N HIS A 342 4.75 2.09 22.01
CA HIS A 342 3.46 2.56 22.48
C HIS A 342 2.49 1.47 22.89
N ASP A 343 1.56 1.84 23.77
CA ASP A 343 0.51 0.95 24.22
C ASP A 343 -0.58 1.20 23.19
N SER A 344 -0.39 0.63 22.02
CA SER A 344 -1.29 0.83 20.89
C SER A 344 -2.37 -0.21 20.65
N GLY A 345 -2.31 -1.34 21.35
CA GLY A 345 -3.31 -2.36 21.15
C GLY A 345 -2.89 -3.32 20.05
N ILE A 346 -1.84 -2.94 19.30
CA ILE A 346 -1.34 -3.78 18.22
C ILE A 346 -0.55 -4.95 18.80
N ILE A 347 -0.75 -6.13 18.24
CA ILE A 347 -0.01 -7.31 18.69
C ILE A 347 1.19 -7.42 17.78
N TRP A 348 2.39 -7.31 18.34
CA TRP A 348 3.60 -7.39 17.53
C TRP A 348 4.11 -8.82 17.39
N PHE A 349 3.79 -9.42 16.26
CA PHE A 349 4.18 -10.79 15.92
C PHE A 349 5.69 -10.96 16.06
N ASP A 350 6.10 -11.87 16.93
CA ASP A 350 7.52 -12.12 17.18
C ASP A 350 7.90 -13.51 16.70
N GLU A 351 8.63 -13.58 15.58
CA GLU A 351 9.02 -14.88 15.04
C GLU A 351 9.91 -15.66 16.00
N ASN A 352 10.57 -14.95 16.92
CA ASN A 352 11.45 -15.60 17.89
C ASN A 352 10.72 -16.01 19.15
N ASP A 353 9.44 -15.65 19.25
CA ASP A 353 8.62 -16.02 20.39
C ASP A 353 7.15 -16.00 19.99
N MET A 354 6.81 -16.85 19.05
CA MET A 354 5.43 -16.93 18.57
C MET A 354 4.51 -17.41 19.70
N GLU A 355 5.09 -18.13 20.66
CA GLU A 355 4.28 -18.62 21.77
C GLU A 355 3.70 -17.42 22.52
N SER A 356 4.54 -16.43 22.77
CA SER A 356 4.10 -15.23 23.46
C SER A 356 3.05 -14.50 22.63
N THR A 357 3.25 -14.48 21.32
CA THR A 357 2.31 -13.84 20.41
C THR A 357 0.94 -14.51 20.50
N PHE A 358 0.92 -15.83 20.44
CA PHE A 358 -0.34 -16.54 20.49
C PHE A 358 -1.00 -16.41 21.87
N GLU A 359 -0.18 -16.33 22.92
CA GLU A 359 -0.73 -16.18 24.26
C GLU A 359 -1.52 -14.88 24.39
N ARG A 360 -1.03 -13.83 23.75
CA ARG A 360 -1.71 -12.54 23.79
C ARG A 360 -3.01 -12.65 23.00
N ILE A 361 -2.97 -13.36 21.88
CA ILE A 361 -4.15 -13.56 21.05
C ILE A 361 -5.22 -14.30 21.86
N LYS A 362 -4.81 -15.34 22.57
CA LYS A 362 -5.77 -16.10 23.37
C LYS A 362 -6.34 -15.22 24.48
N GLU A 363 -5.52 -14.32 25.01
CA GLU A 363 -5.98 -13.43 26.07
C GLU A 363 -7.10 -12.51 25.56
N LEU A 364 -6.89 -11.88 24.42
CA LEU A 364 -7.91 -10.99 23.88
C LEU A 364 -9.15 -11.77 23.42
N SER A 365 -8.92 -12.99 22.94
CA SER A 365 -10.01 -13.83 22.46
C SER A 365 -10.99 -14.22 23.56
N SER A 366 -10.49 -14.30 24.79
CA SER A 366 -11.31 -14.72 25.92
C SER A 366 -11.98 -13.61 26.72
N ASP A 367 -11.71 -12.36 26.37
CA ASP A 367 -12.29 -11.24 27.10
C ASP A 367 -12.74 -10.14 26.13
N ARG A 368 -14.02 -10.14 25.81
CA ARG A 368 -14.58 -9.16 24.88
C ARG A 368 -14.32 -7.71 25.28
N ALA A 369 -14.34 -7.43 26.57
CA ALA A 369 -14.10 -6.05 27.05
C ALA A 369 -12.67 -5.62 26.76
N LEU A 370 -11.73 -6.52 27.03
CA LEU A 370 -10.32 -6.26 26.79
C LEU A 370 -10.12 -6.09 25.28
N TYR A 371 -10.71 -7.00 24.52
CA TYR A 371 -10.62 -6.98 23.07
C TYR A 371 -11.04 -5.59 22.56
N ASP A 372 -12.18 -5.11 23.05
CA ASP A 372 -12.68 -3.81 22.65
C ASP A 372 -11.73 -2.68 23.02
N ARG A 373 -11.21 -2.70 24.23
CA ARG A 373 -10.28 -1.66 24.66
C ARG A 373 -9.05 -1.66 23.76
N GLU A 374 -8.53 -2.85 23.47
CA GLU A 374 -7.34 -2.95 22.65
C GLU A 374 -7.53 -2.43 21.23
N ARG A 375 -8.64 -2.79 20.57
CA ARG A 375 -8.81 -2.30 19.22
C ARG A 375 -9.13 -0.80 19.19
N GLU A 376 -9.77 -0.28 20.24
CA GLU A 376 -10.04 1.15 20.27
C GLU A 376 -8.68 1.87 20.31
N LYS A 377 -7.72 1.29 21.03
CA LYS A 377 -6.39 1.88 21.10
C LYS A 377 -5.69 1.81 19.75
N ALA A 378 -5.80 0.67 19.07
CA ALA A 378 -5.17 0.49 17.76
C ALA A 378 -5.74 1.47 16.75
N TYR A 379 -7.06 1.58 16.73
CA TYR A 379 -7.71 2.49 15.81
C TYR A 379 -7.21 3.92 16.01
N GLU A 380 -7.20 4.38 17.26
CA GLU A 380 -6.75 5.75 17.55
C GLU A 380 -5.28 5.95 17.20
N PHE A 381 -4.46 4.96 17.51
CA PHE A 381 -3.02 5.05 17.24
C PHE A 381 -2.75 5.17 15.74
N LEU A 382 -3.37 4.29 14.96
CA LEU A 382 -3.17 4.30 13.51
C LEU A 382 -3.76 5.57 12.90
N TYR A 383 -4.85 6.06 13.46
CA TYR A 383 -5.48 7.29 12.98
C TYR A 383 -4.48 8.44 13.16
N GLN A 384 -3.93 8.55 14.37
CA GLN A 384 -2.96 9.59 14.67
C GLN A 384 -1.71 9.45 13.81
N HIS A 385 -1.33 8.22 13.50
CA HIS A 385 -0.13 8.01 12.71
C HIS A 385 -0.24 8.26 11.22
N GLN A 386 -1.34 7.85 10.60
CA GLN A 386 -1.42 7.97 9.15
C GLN A 386 -2.76 8.35 8.50
N ASP A 387 -3.65 9.01 9.23
CA ASP A 387 -4.92 9.41 8.62
C ASP A 387 -4.67 10.49 7.57
N SER A 388 -5.48 10.49 6.52
CA SER A 388 -5.34 11.48 5.45
C SER A 388 -5.41 12.92 5.97
N SER A 389 -6.24 13.15 6.98
CA SER A 389 -6.40 14.49 7.53
C SER A 389 -5.07 15.10 7.98
N PHE A 390 -4.14 14.25 8.36
CA PHE A 390 -2.83 14.69 8.82
C PHE A 390 -1.78 14.67 7.70
N CYS A 391 -1.58 13.48 7.12
CA CYS A 391 -0.56 13.28 6.10
C CYS A 391 -0.73 14.03 4.79
N PHE A 392 -1.93 14.04 4.22
CA PHE A 392 -2.12 14.76 2.96
C PHE A 392 -1.96 16.26 3.17
N LYS A 393 -2.23 16.73 4.39
CA LYS A 393 -2.06 18.15 4.68
C LYS A 393 -0.56 18.44 4.70
N GLU A 394 0.20 17.54 5.33
CA GLU A 394 1.65 17.68 5.40
C GLU A 394 2.22 17.72 3.98
N GLN A 395 1.75 16.82 3.13
CA GLN A 395 2.23 16.76 1.75
C GLN A 395 1.79 17.98 0.96
N PHE A 396 0.57 18.44 1.19
CA PHE A 396 0.07 19.61 0.49
C PHE A 396 0.91 20.84 0.81
N ASP A 397 1.31 20.98 2.07
CA ASP A 397 2.13 22.11 2.47
C ASP A 397 3.50 22.08 1.80
N ILE A 398 4.04 20.88 1.63
CA ILE A 398 5.33 20.70 0.98
C ILE A 398 5.21 21.00 -0.51
N ILE A 399 4.11 20.56 -1.11
CA ILE A 399 3.88 20.76 -2.54
C ILE A 399 3.72 22.23 -2.91
N THR A 400 3.00 22.97 -2.07
CA THR A 400 2.74 24.38 -2.33
C THR A 400 3.77 25.34 -1.74
N LYS A 401 4.82 24.79 -1.13
CA LYS A 401 5.87 25.62 -0.54
C LYS A 401 6.37 26.62 -1.58
#